data_5O4T
#
_entry.id   5O4T
#
_cell.length_a   60.639
_cell.length_b   60.639
_cell.length_c   63.465
_cell.angle_alpha   90.00
_cell.angle_beta   90.00
_cell.angle_gamma   120.00
#
_symmetry.space_group_name_H-M   'P 32 2 1'
#
loop_
_entity.id
_entity.type
_entity.pdbx_description
1 polymer Peregrin
2 non-polymer 1,4-dimethylquinoxaline-2,3-dione
3 water water
#
_entity_poly.entity_id   1
_entity_poly.type   'polypeptide(L)'
_entity_poly.pdbx_seq_one_letter_code
;SMEMQLTPFLILLRKTLEQLQEKDTGNIFSEPVPLSEVPDYLDHIKKPMDFFTMKQNLEAYRYLNFDDFEEDFNLIVSNC
LKYNAKDTIFYRAAVRLREQGGAVLRQARRQAEKMG
;
_entity_poly.pdbx_strand_id   A
#
loop_
_chem_comp.id
_chem_comp.type
_chem_comp.name
_chem_comp.formula
9KT non-polymer 1,4-dimethylquinoxaline-2,3-dione 'C10 H10 N2 O2'
#
# COMPACT_ATOMS: atom_id res chain seq x y z
N GLU A 3 -13.95 22.27 -2.79
CA GLU A 3 -13.80 20.83 -2.63
C GLU A 3 -13.56 20.47 -1.16
N MET A 4 -12.29 20.39 -0.76
CA MET A 4 -11.98 20.05 0.62
C MET A 4 -10.66 20.70 1.04
N GLN A 5 -10.42 20.69 2.35
CA GLN A 5 -9.21 21.23 2.94
C GLN A 5 -8.12 20.17 2.98
N LEU A 6 -6.88 20.63 2.83
CA LEU A 6 -5.74 19.73 2.76
C LEU A 6 -5.49 19.01 4.08
N THR A 7 -5.43 19.76 5.20
CA THR A 7 -4.95 19.15 6.44
C THR A 7 -5.83 18.00 6.96
N PRO A 8 -7.17 18.09 7.02
CA PRO A 8 -7.94 16.91 7.45
C PRO A 8 -7.79 15.72 6.53
N PHE A 9 -7.62 15.95 5.23
CA PHE A 9 -7.42 14.85 4.31
C PHE A 9 -6.12 14.13 4.59
N LEU A 10 -5.04 14.88 4.84
CA LEU A 10 -3.77 14.23 5.11
C LEU A 10 -3.80 13.50 6.45
N ILE A 11 -4.50 14.05 7.44
CA ILE A 11 -4.70 13.36 8.70
C ILE A 11 -5.40 12.02 8.47
N LEU A 12 -6.43 12.01 7.63
CA LEU A 12 -7.14 10.77 7.30
C LEU A 12 -6.23 9.79 6.58
N LEU A 13 -5.43 10.29 5.62
CA LEU A 13 -4.52 9.36 4.95
C LEU A 13 -3.50 8.77 5.91
N ARG A 14 -3.01 9.57 6.86
CA ARG A 14 -2.04 9.06 7.83
C ARG A 14 -2.66 7.94 8.67
N LYS A 15 -3.89 8.15 9.14
CA LYS A 15 -4.58 7.12 9.90
C LYS A 15 -4.84 5.89 9.06
N THR A 16 -5.25 6.09 7.80
CA THR A 16 -5.53 4.97 6.92
C THR A 16 -4.28 4.15 6.64
N LEU A 17 -3.16 4.84 6.38
CA LEU A 17 -1.91 4.11 6.16
C LEU A 17 -1.52 3.29 7.38
N GLU A 18 -1.69 3.85 8.59
CA GLU A 18 -1.42 3.08 9.80
C GLU A 18 -2.30 1.84 9.88
N GLN A 19 -3.59 1.97 9.53
CA GLN A 19 -4.50 0.83 9.58
C GLN A 19 -4.11 -0.24 8.56
N LEU A 20 -3.65 0.18 7.38
CA LEU A 20 -3.20 -0.79 6.39
C LEU A 20 -1.96 -1.52 6.87
N GLN A 21 -1.01 -0.78 7.45
CA GLN A 21 0.20 -1.41 7.98
C GLN A 21 -0.12 -2.40 9.08
N GLU A 22 -1.16 -2.14 9.87
CA GLU A 22 -1.53 -3.07 10.94
C GLU A 22 -2.00 -4.41 10.40
N LYS A 23 -2.54 -4.43 9.18
CA LYS A 23 -2.93 -5.71 8.56
C LYS A 23 -1.74 -6.52 8.07
N ASP A 24 -0.59 -5.87 7.84
CA ASP A 24 0.66 -6.53 7.43
C ASP A 24 1.42 -6.90 8.69
N THR A 25 1.01 -7.99 9.31
CA THR A 25 1.52 -8.31 10.65
C THR A 25 2.98 -8.76 10.63
N GLY A 26 3.43 -9.37 9.53
CA GLY A 26 4.84 -9.69 9.42
C GLY A 26 5.73 -8.55 9.01
N ASN A 27 5.16 -7.39 8.71
CA ASN A 27 5.90 -6.22 8.24
C ASN A 27 6.69 -6.54 6.97
N ILE A 28 6.17 -7.44 6.15
CA ILE A 28 6.95 -7.79 4.96
C ILE A 28 6.83 -6.74 3.88
N PHE A 29 5.87 -5.82 4.00
CA PHE A 29 5.69 -4.72 3.05
C PHE A 29 6.09 -3.38 3.66
N SER A 30 6.77 -3.38 4.81
CA SER A 30 7.06 -2.12 5.49
CA SER A 30 7.08 -2.13 5.50
C SER A 30 8.18 -1.35 4.81
N GLU A 31 9.12 -2.03 4.15
CA GLU A 31 10.26 -1.39 3.50
C GLU A 31 10.37 -1.88 2.06
N PRO A 32 11.11 -1.17 1.21
CA PRO A 32 11.29 -1.63 -0.17
C PRO A 32 11.85 -3.04 -0.24
N VAL A 33 11.40 -3.79 -1.24
CA VAL A 33 12.00 -5.08 -1.55
C VAL A 33 13.49 -4.87 -1.75
N PRO A 34 14.37 -5.59 -1.04
CA PRO A 34 15.81 -5.37 -1.18
C PRO A 34 16.36 -5.82 -2.53
N LEU A 35 16.66 -4.86 -3.42
CA LEU A 35 17.05 -5.21 -4.79
C LEU A 35 18.41 -5.92 -4.84
N SER A 36 19.27 -5.72 -3.85
CA SER A 36 20.54 -6.42 -3.84
C SER A 36 20.35 -7.91 -3.62
N GLU A 37 19.31 -8.29 -2.87
CA GLU A 37 19.03 -9.68 -2.59
C GLU A 37 18.06 -10.28 -3.60
N VAL A 38 17.44 -9.45 -4.44
CA VAL A 38 16.52 -9.90 -5.48
C VAL A 38 16.94 -9.29 -6.81
N PRO A 39 18.05 -9.75 -7.40
CA PRO A 39 18.62 -9.01 -8.55
C PRO A 39 17.74 -8.96 -9.79
N ASP A 40 16.75 -9.84 -9.93
CA ASP A 40 15.89 -9.85 -11.12
C ASP A 40 14.56 -9.17 -10.88
N TYR A 41 14.39 -8.47 -9.75
CA TYR A 41 13.08 -7.95 -9.38
C TYR A 41 12.57 -6.92 -10.39
N LEU A 42 13.44 -5.99 -10.79
CA LEU A 42 13.05 -4.94 -11.71
C LEU A 42 12.89 -5.42 -13.14
N ASP A 43 13.34 -6.64 -13.45
CA ASP A 43 13.00 -7.24 -14.74
C ASP A 43 11.51 -7.52 -14.85
N HIS A 44 10.85 -7.76 -13.72
CA HIS A 44 9.43 -8.09 -13.69
C HIS A 44 8.57 -6.93 -13.21
N ILE A 45 9.09 -6.06 -12.35
CA ILE A 45 8.30 -5.09 -11.60
C ILE A 45 8.68 -3.69 -12.06
N LYS A 46 7.72 -2.98 -12.64
CA LYS A 46 7.98 -1.66 -13.23
C LYS A 46 8.10 -0.58 -12.16
N LYS A 47 7.28 -0.66 -11.11
CA LYS A 47 7.25 0.36 -10.06
C LYS A 47 7.16 -0.31 -8.70
N PRO A 48 8.30 -0.57 -8.06
CA PRO A 48 8.27 -1.05 -6.67
C PRO A 48 7.49 -0.11 -5.76
N MET A 49 6.87 -0.68 -4.73
CA MET A 49 6.18 0.11 -3.73
C MET A 49 6.18 -0.61 -2.40
N ASP A 50 6.10 0.16 -1.32
CA ASP A 50 6.09 -0.34 0.04
C ASP A 50 5.53 0.74 0.94
N PHE A 51 5.23 0.38 2.19
CA PHE A 51 4.57 1.35 3.07
C PHE A 51 5.48 2.50 3.48
N PHE A 52 6.78 2.28 3.63
CA PHE A 52 7.67 3.40 3.96
C PHE A 52 7.68 4.43 2.84
N THR A 53 7.77 3.95 1.60
CA THR A 53 7.71 4.86 0.45
C THR A 53 6.38 5.59 0.42
N MET A 54 5.28 4.89 0.72
CA MET A 54 3.98 5.56 0.79
C MET A 54 3.96 6.67 1.82
N LYS A 55 4.55 6.43 2.99
CA LYS A 55 4.60 7.47 4.02
C LYS A 55 5.39 8.67 3.53
N GLN A 56 6.54 8.42 2.89
N GLN A 56 6.52 8.43 2.87
CA GLN A 56 7.33 9.52 2.34
CA GLN A 56 7.32 9.55 2.36
C GLN A 56 6.53 10.30 1.30
C GLN A 56 6.55 10.31 1.27
N ASN A 57 5.81 9.59 0.43
CA ASN A 57 5.01 10.26 -0.58
C ASN A 57 3.89 11.07 0.04
N LEU A 58 3.24 10.53 1.08
CA LEU A 58 2.19 11.26 1.77
C LEU A 58 2.71 12.59 2.30
N GLU A 59 3.87 12.56 2.96
CA GLU A 59 4.40 13.78 3.56
C GLU A 59 4.99 14.72 2.52
N ALA A 60 5.33 14.21 1.33
CA ALA A 60 5.76 15.04 0.23
C ALA A 60 4.59 15.62 -0.56
N TYR A 61 3.36 15.46 -0.05
CA TYR A 61 2.15 15.95 -0.68
C TYR A 61 1.97 15.36 -2.08
N ARG A 62 2.32 14.08 -2.24
CA ARG A 62 2.13 13.41 -3.51
C ARG A 62 0.79 12.69 -3.61
N TYR A 63 0.02 12.61 -2.52
CA TYR A 63 -1.33 12.03 -2.52
C TYR A 63 -2.31 13.14 -2.18
N LEU A 64 -2.95 13.69 -3.20
CA LEU A 64 -3.94 14.74 -3.01
C LEU A 64 -5.35 14.29 -3.35
N ASN A 65 -5.52 13.03 -3.71
CA ASN A 65 -6.84 12.42 -3.81
C ASN A 65 -6.73 10.97 -3.35
N PHE A 66 -7.88 10.39 -3.01
CA PHE A 66 -7.86 9.05 -2.46
C PHE A 66 -7.38 8.04 -3.49
N ASP A 67 -7.69 8.25 -4.77
CA ASP A 67 -7.36 7.26 -5.79
C ASP A 67 -5.85 7.11 -5.96
N ASP A 68 -5.08 8.19 -5.83
CA ASP A 68 -3.64 8.03 -5.96
C ASP A 68 -3.05 7.27 -4.78
N PHE A 69 -3.63 7.46 -3.59
CA PHE A 69 -3.21 6.70 -2.42
C PHE A 69 -3.52 5.23 -2.60
N GLU A 70 -4.75 4.93 -3.02
CA GLU A 70 -5.16 3.54 -3.22
C GLU A 70 -4.35 2.89 -4.33
N GLU A 71 -3.99 3.63 -5.38
CA GLU A 71 -3.22 3.07 -6.48
C GLU A 71 -1.88 2.54 -5.98
N ASP A 72 -1.23 3.27 -5.08
CA ASP A 72 0.07 2.80 -4.60
C ASP A 72 -0.08 1.62 -3.64
N PHE A 73 -1.13 1.61 -2.82
CA PHE A 73 -1.40 0.42 -2.02
C PHE A 73 -1.62 -0.77 -2.94
N ASN A 74 -2.37 -0.57 -4.03
CA ASN A 74 -2.62 -1.69 -4.93
C ASN A 74 -1.34 -2.21 -5.58
N LEU A 75 -0.34 -1.33 -5.76
CA LEU A 75 0.93 -1.76 -6.30
C LEU A 75 1.68 -2.69 -5.35
N ILE A 76 1.63 -2.37 -4.04
CA ILE A 76 2.25 -3.26 -3.05
C ILE A 76 1.74 -4.67 -3.26
N VAL A 77 0.41 -4.79 -3.36
CA VAL A 77 -0.23 -6.10 -3.52
C VAL A 77 0.12 -6.71 -4.86
N SER A 78 -0.11 -5.97 -5.96
CA SER A 78 0.02 -6.55 -7.29
CA SER A 78 0.02 -6.55 -7.29
C SER A 78 1.47 -6.92 -7.60
N ASN A 79 2.43 -6.10 -7.17
CA ASN A 79 3.83 -6.45 -7.40
C ASN A 79 4.16 -7.78 -6.75
N CYS A 80 3.66 -7.99 -5.53
CA CYS A 80 3.94 -9.22 -4.79
C CYS A 80 3.29 -10.42 -5.46
N LEU A 81 2.03 -10.27 -5.90
CA LEU A 81 1.39 -11.38 -6.61
C LEU A 81 2.11 -11.69 -7.91
N LYS A 82 2.63 -10.66 -8.58
CA LYS A 82 3.31 -10.90 -9.85
C LYS A 82 4.64 -11.60 -9.64
N TYR A 83 5.42 -11.15 -8.67
CA TYR A 83 6.78 -11.66 -8.55
C TYR A 83 6.84 -13.07 -7.95
N ASN A 84 5.94 -13.38 -7.03
CA ASN A 84 6.06 -14.58 -6.21
C ASN A 84 5.12 -15.68 -6.69
N ALA A 85 5.57 -16.92 -6.55
CA ALA A 85 4.77 -18.06 -6.93
C ALA A 85 3.57 -18.21 -6.00
N LYS A 86 2.50 -18.82 -6.52
CA LYS A 86 1.27 -18.92 -5.75
C LYS A 86 1.44 -19.75 -4.49
N ASP A 87 2.37 -20.72 -4.48
CA ASP A 87 2.54 -21.58 -3.32
C ASP A 87 3.44 -20.96 -2.25
N THR A 88 3.67 -19.66 -2.25
CA THR A 88 4.54 -19.03 -1.28
C THR A 88 3.73 -18.28 -0.22
N ILE A 89 4.35 -18.13 0.96
CA ILE A 89 3.78 -17.25 1.98
C ILE A 89 3.61 -15.83 1.46
N PHE A 90 4.60 -15.30 0.72
CA PHE A 90 4.49 -13.94 0.20
C PHE A 90 3.23 -13.75 -0.63
N TYR A 91 2.99 -14.66 -1.58
CA TYR A 91 1.81 -14.51 -2.43
C TYR A 91 0.55 -14.52 -1.59
N ARG A 92 0.44 -15.47 -0.65
N ARG A 92 0.45 -15.45 -0.62
CA ARG A 92 -0.75 -15.55 0.18
CA ARG A 92 -0.76 -15.55 0.17
C ARG A 92 -0.90 -14.31 1.04
C ARG A 92 -0.91 -14.38 1.14
N ALA A 93 0.21 -13.78 1.56
CA ALA A 93 0.15 -12.56 2.36
C ALA A 93 -0.38 -11.39 1.55
N ALA A 94 -0.03 -11.31 0.28
CA ALA A 94 -0.56 -10.23 -0.55
C ALA A 94 -2.06 -10.42 -0.81
N VAL A 95 -2.51 -11.66 -1.02
CA VAL A 95 -3.94 -11.91 -1.15
C VAL A 95 -4.68 -11.45 0.12
N ARG A 96 -4.16 -11.83 1.28
N ARG A 96 -4.16 -11.84 1.29
CA ARG A 96 -4.82 -11.46 2.53
CA ARG A 96 -4.82 -11.45 2.53
C ARG A 96 -4.82 -9.94 2.71
C ARG A 96 -4.82 -9.94 2.71
N LEU A 97 -3.72 -9.28 2.34
CA LEU A 97 -3.65 -7.82 2.46
C LEU A 97 -4.65 -7.16 1.52
N ARG A 98 -4.80 -7.68 0.29
CA ARG A 98 -5.80 -7.15 -0.63
C ARG A 98 -7.19 -7.23 -0.01
N GLU A 99 -7.52 -8.37 0.60
CA GLU A 99 -8.84 -8.55 1.20
C GLU A 99 -9.01 -7.65 2.42
N GLN A 100 -8.08 -7.72 3.36
CA GLN A 100 -8.25 -6.96 4.59
C GLN A 100 -8.07 -5.46 4.34
N GLY A 101 -7.19 -5.09 3.41
CA GLY A 101 -6.97 -3.68 3.14
C GLY A 101 -8.06 -3.04 2.32
N GLY A 102 -8.71 -3.81 1.45
CA GLY A 102 -9.85 -3.27 0.72
C GLY A 102 -10.95 -2.75 1.64
N ALA A 103 -11.16 -3.43 2.77
CA ALA A 103 -12.19 -3.01 3.71
C ALA A 103 -11.79 -1.73 4.44
N VAL A 104 -10.52 -1.64 4.85
CA VAL A 104 -9.98 -0.41 5.41
C VAL A 104 -10.16 0.75 4.43
N LEU A 105 -9.88 0.51 3.15
CA LEU A 105 -9.93 1.58 2.16
C LEU A 105 -11.36 2.05 1.88
N ARG A 106 -12.32 1.12 1.86
N ARG A 106 -12.31 1.11 1.86
CA ARG A 106 -13.71 1.52 1.62
CA ARG A 106 -13.71 1.48 1.63
C ARG A 106 -14.20 2.44 2.73
C ARG A 106 -14.20 2.42 2.72
N GLN A 107 -13.90 2.10 3.98
CA GLN A 107 -14.30 2.96 5.09
C GLN A 107 -13.61 4.31 5.03
N ALA A 108 -12.32 4.32 4.71
CA ALA A 108 -11.59 5.58 4.65
C ALA A 108 -12.09 6.45 3.51
N ARG A 109 -12.45 5.84 2.38
CA ARG A 109 -12.93 6.64 1.25
C ARG A 109 -14.26 7.30 1.58
N ARG A 110 -15.13 6.61 2.32
CA ARG A 110 -16.38 7.22 2.76
C ARG A 110 -16.13 8.46 3.60
N GLN A 111 -15.13 8.39 4.51
CA GLN A 111 -14.78 9.55 5.32
C GLN A 111 -14.26 10.69 4.45
N ALA A 112 -13.50 10.37 3.40
CA ALA A 112 -13.01 11.42 2.52
C ALA A 112 -14.16 12.11 1.78
N GLU A 113 -15.17 11.34 1.37
CA GLU A 113 -16.33 11.89 0.68
C GLU A 113 -17.21 12.73 1.59
N LYS A 114 -17.03 12.66 2.92
CA LYS A 114 -17.72 13.56 3.82
C LYS A 114 -17.07 14.94 3.90
N MET A 115 -15.85 15.08 3.38
CA MET A 115 -15.10 16.33 3.47
C MET A 115 -15.53 17.32 2.38
C2 9KT B . 10.94 -10.17 -1.19
C3 9KT B . 12.27 -10.49 -0.93
C4 9KT B . 12.79 -10.29 0.35
C5 9KT B . 11.99 -9.76 1.36
C6 9KT B . 10.66 -9.42 1.08
C7 9KT B . 10.13 -9.62 -0.19
C10 9KT B . 7.99 -8.75 0.58
C1 9KT B . 11.30 -10.93 -3.49
C8 9KT B . 8.37 -9.51 -1.70
C9 9KT B . 9.17 -10.04 -2.70
N1 9KT B . 10.44 -10.36 -2.43
N2 9KT B . 8.87 -9.31 -0.46
O1 9KT B . 7.21 -9.22 -1.94
O2 9KT B . 8.71 -10.22 -3.83
#